data_6JCQ
#
_entry.id   6JCQ
#
_cell.length_a   1.00
_cell.length_b   1.00
_cell.length_c   1.00
_cell.angle_alpha   90.00
_cell.angle_beta   90.00
_cell.angle_gamma   90.00
#
_symmetry.space_group_name_H-M   'P 1'
#
loop_
_entity.id
_entity.type
_entity.pdbx_description
1 polymer 'Capsid protein'
2 polymer 'Dyslexia-associated protein KIAA0319-like protein'
#
loop_
_entity_poly.entity_id
_entity_poly.type
_entity_poly.pdbx_seq_one_letter_code
_entity_poly.pdbx_strand_id
1 'polypeptide(L)'
;DGVGNASGNWHCDSTWLGDRVITTSTRTWALPTYNNHLYKQISSASTGASNDNHYFGYSTPWGYFDFNRFHCHFSPRDWQ
RLINNNWGFRPKRLNFKLFNIQVKEVTTNDGVTTIANNLTSTVQVFSDSEYQLPYVLGSAHQGCLPPFPADVFMIPQYGY
LTLNNGSQAVGRSSFYCLEYFPSQMLRTGNNFTFSYTFEEVPFHSSYAHSQSLDRLMNPLIDQYLYYLNRTQNQSGSAQN
KDLLFSRGSPAGMSVQPKNWLPGPCYRQQRVSKTKTDNNNSNFTWTGASKYNLNGRESIINPGTAMASHKDDEDKFFPMS
GVMIFGKESAGASNTALDNVMITDEEEIKATNPVATERFGTVAVNFQSSSTDPATGDVHAMGALPGMVWQDRDVYLQGPI
WAKIPHTDGHFHPSPLMGGFGLKNPPPQILIKNTPVPANPPAEFSATKFASFITQYSTGQVSVEIEWELQKENSKRWNPE
VQYTSNYAKSANVDFTVDNNGLYTEPRPIGTRYLTRPL
;
A
2 'polypeptide(L)'
;PPIAIVSPQFQEISLPTTSTVIDGSQSTDDDKIVQYHWEELKGPLREEKISEDTAILKLSKLVPGNYTFSLTVVDSDGAT
NSTTANLTVNK
;
R
#
# COMPACT_ATOMS: atom_id res chain seq x y z
N ASP A 1 -34.83 -21.98 1.94
CA ASP A 1 -35.20 -23.05 2.84
C ASP A 1 -35.04 -24.40 2.16
N GLY A 2 -33.84 -24.98 2.27
CA GLY A 2 -33.51 -26.21 1.58
C GLY A 2 -34.26 -27.43 2.11
N VAL A 3 -33.84 -28.61 1.62
CA VAL A 3 -32.65 -28.86 0.83
C VAL A 3 -32.97 -28.75 -0.67
N GLY A 4 -34.19 -29.10 -1.05
CA GLY A 4 -34.60 -28.95 -2.42
C GLY A 4 -35.19 -27.59 -2.75
N ASN A 5 -34.51 -26.53 -2.32
CA ASN A 5 -34.94 -25.16 -2.59
C ASN A 5 -33.73 -24.26 -2.44
N ALA A 6 -33.51 -23.40 -3.43
CA ALA A 6 -32.44 -22.43 -3.34
C ALA A 6 -32.73 -21.42 -2.25
N SER A 7 -31.71 -21.05 -1.50
CA SER A 7 -31.82 -20.10 -0.41
C SER A 7 -31.46 -18.68 -0.82
N GLY A 8 -31.52 -18.39 -2.10
CA GLY A 8 -31.18 -17.08 -2.63
C GLY A 8 -30.91 -17.15 -4.10
N ASN A 9 -31.05 -16.01 -4.76
CA ASN A 9 -30.89 -15.92 -6.21
C ASN A 9 -29.62 -15.16 -6.55
N TRP A 10 -29.20 -15.30 -7.79
CA TRP A 10 -27.99 -14.63 -8.29
C TRP A 10 -28.36 -13.22 -8.68
N HIS A 11 -27.88 -12.23 -7.93
CA HIS A 11 -28.05 -10.83 -8.27
C HIS A 11 -26.69 -10.26 -8.62
N CYS A 12 -26.56 -9.72 -9.82
CA CYS A 12 -25.32 -9.05 -10.20
C CYS A 12 -25.63 -7.80 -11.00
N ASP A 13 -26.63 -7.04 -10.57
CA ASP A 13 -27.02 -5.82 -11.25
C ASP A 13 -25.99 -4.71 -11.05
N SER A 14 -26.20 -3.61 -11.75
CA SER A 14 -25.52 -2.35 -11.45
C SER A 14 -26.42 -1.23 -11.97
N THR A 15 -27.22 -0.65 -11.08
CA THR A 15 -28.25 0.29 -11.47
C THR A 15 -27.76 1.71 -11.23
N TRP A 16 -28.06 2.60 -12.17
CA TRP A 16 -27.61 3.98 -12.12
C TRP A 16 -28.82 4.88 -11.95
N LEU A 17 -29.05 5.33 -10.72
CA LEU A 17 -30.11 6.31 -10.48
C LEU A 17 -29.55 7.70 -10.69
N GLY A 18 -30.26 8.72 -10.21
CA GLY A 18 -29.81 10.08 -10.40
C GLY A 18 -28.54 10.40 -9.64
N ASP A 19 -28.63 10.38 -8.32
CA ASP A 19 -27.52 10.77 -7.46
C ASP A 19 -26.94 9.60 -6.67
N ARG A 20 -27.19 8.36 -7.11
CA ARG A 20 -26.74 7.19 -6.41
C ARG A 20 -26.71 6.00 -7.35
N VAL A 21 -25.74 5.11 -7.13
CA VAL A 21 -25.52 3.94 -7.97
C VAL A 21 -25.39 2.70 -7.08
N ILE A 22 -26.17 1.67 -7.39
CA ILE A 22 -26.25 0.47 -6.58
C ILE A 22 -25.56 -0.64 -7.36
N THR A 23 -24.43 -1.09 -6.86
CA THR A 23 -23.62 -2.09 -7.55
C THR A 23 -23.64 -3.40 -6.78
N THR A 24 -24.52 -4.30 -7.20
CA THR A 24 -24.59 -5.64 -6.65
C THR A 24 -23.52 -6.50 -7.31
N SER A 25 -22.96 -7.44 -6.55
CA SER A 25 -22.06 -8.42 -7.12
C SER A 25 -22.19 -9.72 -6.36
N THR A 26 -22.27 -10.83 -7.07
CA THR A 26 -22.39 -12.14 -6.46
C THR A 26 -21.32 -13.05 -7.00
N ARG A 27 -20.60 -13.72 -6.11
CA ARG A 27 -19.54 -14.64 -6.49
C ARG A 27 -19.80 -16.00 -5.87
N THR A 28 -19.15 -17.02 -6.43
CA THR A 28 -19.16 -18.36 -5.88
C THR A 28 -17.87 -18.57 -5.11
N TRP A 29 -17.97 -19.01 -3.87
CA TRP A 29 -16.80 -19.17 -3.01
C TRP A 29 -16.55 -20.66 -2.73
N ALA A 30 -15.43 -20.91 -2.08
CA ALA A 30 -15.04 -22.26 -1.66
C ALA A 30 -14.14 -22.13 -0.45
N LEU A 31 -14.61 -22.63 0.69
CA LEU A 31 -13.88 -22.49 1.94
C LEU A 31 -13.25 -23.82 2.36
N PRO A 32 -11.94 -23.94 2.36
CA PRO A 32 -11.32 -25.17 2.86
C PRO A 32 -11.21 -25.22 4.36
N THR A 33 -10.49 -26.22 4.87
CA THR A 33 -10.22 -26.38 6.29
C THR A 33 -8.78 -25.96 6.55
N TYR A 34 -8.61 -24.89 7.30
CA TYR A 34 -7.28 -24.35 7.57
C TYR A 34 -6.76 -24.88 8.89
N ASN A 35 -5.45 -25.14 8.94
CA ASN A 35 -4.68 -25.62 10.08
C ASN A 35 -5.14 -26.98 10.62
N ASN A 36 -6.06 -27.66 9.93
CA ASN A 36 -6.87 -28.75 10.48
C ASN A 36 -7.46 -28.34 11.83
N HIS A 37 -8.14 -27.19 11.82
CA HIS A 37 -8.95 -26.66 12.93
C HIS A 37 -8.09 -26.37 14.17
N LEU A 38 -7.00 -25.63 13.99
CA LEU A 38 -6.13 -25.33 15.10
C LEU A 38 -5.75 -23.86 15.12
N TYR A 39 -5.61 -23.30 16.32
CA TYR A 39 -5.07 -21.95 16.51
C TYR A 39 -3.55 -22.01 16.66
N LYS A 40 -2.88 -22.38 15.57
CA LYS A 40 -1.44 -22.45 15.59
C LYS A 40 -0.85 -21.04 15.64
N GLN A 41 0.09 -20.80 16.55
CA GLN A 41 0.73 -19.50 16.55
C GLN A 41 1.72 -19.43 15.41
N ILE A 42 2.00 -18.22 14.96
CA ILE A 42 2.98 -17.96 13.93
C ILE A 42 3.94 -16.92 14.47
N SER A 43 5.23 -17.14 14.25
CA SER A 43 6.24 -16.18 14.65
C SER A 43 7.34 -16.22 13.61
N SER A 44 8.43 -15.54 13.88
CA SER A 44 9.54 -15.50 12.96
C SER A 44 10.69 -16.42 13.37
N ALA A 45 10.60 -17.03 14.54
CA ALA A 45 11.71 -17.82 15.07
C ALA A 45 11.88 -19.14 14.36
N SER A 46 10.85 -19.62 13.67
CA SER A 46 10.96 -20.85 12.91
C SER A 46 11.80 -20.63 11.66
N THR A 47 11.44 -19.63 10.85
CA THR A 47 12.22 -19.30 9.66
C THR A 47 13.52 -18.61 10.05
N GLY A 48 13.46 -17.66 10.97
CA GLY A 48 14.66 -16.91 11.30
C GLY A 48 14.83 -15.72 10.37
N ALA A 49 13.89 -14.80 10.36
CA ALA A 49 13.92 -13.68 9.43
C ALA A 49 14.76 -12.53 9.98
N SER A 50 14.79 -11.43 9.23
CA SER A 50 15.65 -10.30 9.53
C SER A 50 15.12 -9.53 10.73
N ASN A 51 15.91 -8.53 11.15
CA ASN A 51 15.62 -7.80 12.39
C ASN A 51 14.39 -6.91 12.24
N ASP A 52 14.12 -6.43 11.04
CA ASP A 52 12.93 -5.65 10.79
C ASP A 52 11.77 -6.52 10.33
N ASN A 53 12.00 -7.81 10.10
CA ASN A 53 11.01 -8.72 9.57
C ASN A 53 10.58 -9.74 10.60
N HIS A 54 10.86 -9.51 11.88
CA HIS A 54 10.34 -10.36 12.93
C HIS A 54 8.88 -10.05 13.19
N TYR A 55 8.11 -11.10 13.43
CA TYR A 55 6.71 -10.93 13.80
C TYR A 55 6.32 -12.02 14.78
N PHE A 56 5.13 -11.88 15.33
CA PHE A 56 4.57 -12.85 16.25
C PHE A 56 3.07 -12.74 16.11
N GLY A 57 2.39 -13.86 15.97
CA GLY A 57 0.97 -13.81 15.81
C GLY A 57 0.33 -15.16 15.89
N TYR A 58 -0.92 -15.21 15.45
CA TYR A 58 -1.70 -16.43 15.50
C TYR A 58 -2.37 -16.63 14.16
N SER A 59 -2.72 -17.88 13.86
CA SER A 59 -3.29 -18.25 12.57
C SER A 59 -4.49 -19.17 12.81
N THR A 60 -5.69 -18.62 12.68
CA THR A 60 -6.92 -19.32 12.99
C THR A 60 -7.31 -20.24 11.84
N PRO A 61 -8.28 -21.13 12.04
CA PRO A 61 -8.95 -21.76 10.91
C PRO A 61 -10.12 -20.98 10.33
N TRP A 62 -10.35 -19.76 10.78
CA TRP A 62 -11.43 -18.98 10.23
C TRP A 62 -11.00 -18.39 8.90
N GLY A 63 -11.99 -17.98 8.12
CA GLY A 63 -11.72 -17.38 6.84
C GLY A 63 -12.57 -16.15 6.67
N TYR A 64 -12.07 -15.13 5.99
CA TYR A 64 -12.79 -13.88 5.91
C TYR A 64 -13.14 -13.51 4.46
N PHE A 65 -14.18 -12.71 4.31
CA PHE A 65 -14.55 -12.14 3.03
C PHE A 65 -14.03 -10.71 2.97
N ASP A 66 -13.31 -10.39 1.91
CA ASP A 66 -12.69 -9.08 1.76
C ASP A 66 -13.11 -8.48 0.43
N PHE A 67 -14.27 -7.87 0.39
CA PHE A 67 -14.71 -7.13 -0.78
C PHE A 67 -14.17 -5.70 -0.76
N ASN A 68 -12.86 -5.55 -0.63
CA ASN A 68 -12.20 -4.27 -0.41
C ASN A 68 -11.31 -3.91 -1.58
N ARG A 69 -11.80 -4.12 -2.81
CA ARG A 69 -11.21 -3.57 -4.01
C ARG A 69 -12.35 -3.05 -4.86
N PHE A 70 -12.06 -2.06 -5.72
CA PHE A 70 -13.15 -1.42 -6.45
C PHE A 70 -13.72 -2.29 -7.55
N HIS A 71 -12.93 -3.16 -8.17
CA HIS A 71 -13.49 -4.00 -9.22
C HIS A 71 -14.31 -5.16 -8.70
N CYS A 72 -14.43 -5.33 -7.39
CA CYS A 72 -15.39 -6.28 -6.86
C CYS A 72 -16.81 -5.80 -7.01
N HIS A 73 -17.03 -4.55 -7.40
CA HIS A 73 -18.34 -3.93 -7.51
C HIS A 73 -18.57 -3.29 -8.87
N PHE A 74 -17.56 -2.67 -9.46
CA PHE A 74 -17.71 -1.95 -10.71
C PHE A 74 -17.11 -2.75 -11.85
N SER A 75 -17.93 -3.05 -12.85
CA SER A 75 -17.41 -3.49 -14.13
C SER A 75 -16.64 -2.35 -14.78
N PRO A 76 -15.73 -2.65 -15.72
CA PRO A 76 -14.95 -1.56 -16.35
C PRO A 76 -15.79 -0.56 -17.13
N ARG A 77 -16.98 -0.94 -17.58
CA ARG A 77 -17.89 0.01 -18.18
C ARG A 77 -18.52 0.89 -17.12
N ASP A 78 -18.90 0.30 -15.97
CA ASP A 78 -19.47 1.08 -14.88
C ASP A 78 -18.45 2.00 -14.25
N TRP A 79 -17.19 1.61 -14.25
CA TRP A 79 -16.14 2.50 -13.77
C TRP A 79 -15.94 3.65 -14.74
N GLN A 80 -15.93 3.36 -16.04
CA GLN A 80 -15.86 4.41 -17.05
C GLN A 80 -17.08 5.32 -16.99
N ARG A 81 -18.25 4.74 -16.77
CA ARG A 81 -19.48 5.52 -16.66
C ARG A 81 -19.45 6.41 -15.43
N LEU A 82 -18.71 6.00 -14.41
CA LEU A 82 -18.60 6.79 -13.19
C LEU A 82 -17.58 7.91 -13.35
N ILE A 83 -16.33 7.57 -13.69
CA ILE A 83 -15.25 8.53 -13.64
C ILE A 83 -15.33 9.60 -14.71
N ASN A 84 -16.16 9.43 -15.75
CA ASN A 84 -16.18 10.44 -16.79
C ASN A 84 -17.13 11.58 -16.47
N ASN A 85 -18.25 11.32 -15.84
CA ASN A 85 -19.13 12.40 -15.42
C ASN A 85 -19.54 12.21 -13.98
N ASN A 86 -18.62 12.55 -13.08
CA ASN A 86 -18.75 12.61 -11.64
C ASN A 86 -17.57 13.36 -11.05
N TRP A 87 -17.85 14.35 -10.22
CA TRP A 87 -16.82 15.01 -9.44
C TRP A 87 -16.61 14.36 -8.09
N GLY A 88 -17.21 13.21 -7.85
CA GLY A 88 -17.05 12.58 -6.56
C GLY A 88 -17.99 11.43 -6.31
N PHE A 89 -17.60 10.55 -5.41
CA PHE A 89 -18.46 9.43 -5.03
C PHE A 89 -18.08 8.99 -3.63
N ARG A 90 -19.07 8.49 -2.90
CA ARG A 90 -18.84 7.92 -1.59
C ARG A 90 -19.92 6.87 -1.37
N PRO A 91 -19.66 5.85 -0.57
CA PRO A 91 -20.70 4.85 -0.32
C PRO A 91 -21.64 5.24 0.80
N LYS A 92 -22.91 4.88 0.61
CA LYS A 92 -23.90 5.11 1.66
C LYS A 92 -24.05 3.90 2.55
N ARG A 93 -24.38 2.75 1.98
CA ARG A 93 -24.68 1.57 2.76
C ARG A 93 -24.34 0.33 1.96
N LEU A 94 -24.03 -0.76 2.66
CA LEU A 94 -23.84 -2.04 1.99
C LEU A 94 -24.85 -3.04 2.52
N ASN A 95 -24.86 -4.22 1.89
CA ASN A 95 -25.88 -5.22 2.16
C ASN A 95 -25.28 -6.55 1.77
N PHE A 96 -24.92 -7.36 2.74
CA PHE A 96 -24.13 -8.56 2.55
C PHE A 96 -25.03 -9.78 2.73
N LYS A 97 -24.94 -10.74 1.81
CA LYS A 97 -25.78 -11.93 1.85
C LYS A 97 -24.93 -13.12 1.48
N LEU A 98 -25.25 -14.28 2.07
CA LEU A 98 -24.41 -15.45 1.94
C LEU A 98 -25.33 -16.67 1.89
N PHE A 99 -25.50 -17.26 0.73
CA PHE A 99 -26.57 -18.22 0.51
C PHE A 99 -26.06 -19.42 -0.28
N ASN A 100 -26.96 -20.39 -0.44
CA ASN A 100 -26.75 -21.63 -1.20
C ASN A 100 -25.52 -22.40 -0.73
N ILE A 101 -25.43 -22.62 0.57
CA ILE A 101 -24.26 -23.29 1.14
C ILE A 101 -24.32 -24.77 0.85
N GLN A 102 -23.22 -25.31 0.34
CA GLN A 102 -23.09 -26.73 0.07
C GLN A 102 -21.86 -27.18 0.81
N VAL A 103 -22.00 -28.16 1.67
CA VAL A 103 -20.87 -28.63 2.46
C VAL A 103 -20.50 -29.99 1.92
N LYS A 104 -19.51 -30.03 1.06
CA LYS A 104 -19.03 -31.30 0.54
C LYS A 104 -18.05 -31.89 1.54
N GLU A 105 -17.71 -33.16 1.35
CA GLU A 105 -16.70 -33.79 2.18
C GLU A 105 -15.97 -34.82 1.33
N VAL A 106 -14.65 -34.75 1.36
CA VAL A 106 -13.83 -35.48 0.40
C VAL A 106 -13.21 -36.69 1.09
N THR A 107 -13.27 -37.83 0.40
CA THR A 107 -12.66 -39.08 0.85
C THR A 107 -11.58 -39.45 -0.15
N THR A 108 -10.32 -39.44 0.28
CA THR A 108 -9.21 -39.82 -0.59
C THR A 108 -8.89 -41.30 -0.40
N ASN A 109 -9.88 -42.13 -0.71
CA ASN A 109 -9.81 -43.56 -0.47
C ASN A 109 -8.95 -44.19 -1.56
N ASP A 110 -7.77 -44.67 -1.17
CA ASP A 110 -6.80 -45.36 -2.04
C ASP A 110 -6.35 -44.49 -3.20
N GLY A 111 -5.98 -43.25 -2.87
CA GLY A 111 -5.46 -42.33 -3.87
C GLY A 111 -6.49 -41.75 -4.83
N VAL A 112 -7.77 -42.01 -4.59
CA VAL A 112 -8.85 -41.54 -5.46
C VAL A 112 -9.76 -40.66 -4.60
N THR A 113 -9.80 -39.37 -4.90
CA THR A 113 -10.68 -38.47 -4.17
C THR A 113 -12.12 -38.68 -4.65
N THR A 114 -12.99 -39.04 -3.73
CA THR A 114 -14.41 -39.21 -4.01
C THR A 114 -15.17 -38.18 -3.19
N ILE A 115 -15.46 -37.04 -3.81
CA ILE A 115 -16.12 -35.93 -3.12
C ILE A 115 -17.59 -36.26 -2.95
N ALA A 116 -18.03 -36.33 -1.70
CA ALA A 116 -19.39 -36.75 -1.35
C ALA A 116 -20.14 -35.59 -0.72
N ASN A 117 -21.39 -35.44 -1.11
CA ASN A 117 -22.22 -34.35 -0.62
C ASN A 117 -22.68 -34.64 0.80
N ASN A 118 -22.38 -33.76 1.72
CA ASN A 118 -22.82 -33.88 3.10
C ASN A 118 -23.94 -32.89 3.37
N LEU A 119 -24.95 -33.33 4.12
CA LEU A 119 -26.17 -32.56 4.29
C LEU A 119 -26.39 -32.04 5.70
N THR A 120 -25.86 -32.71 6.71
CA THR A 120 -26.05 -32.31 8.09
C THR A 120 -24.93 -31.44 8.64
N SER A 121 -23.85 -31.27 7.90
CA SER A 121 -22.74 -30.46 8.39
C SER A 121 -23.09 -28.99 8.30
N THR A 122 -22.56 -28.20 9.22
CA THR A 122 -22.87 -26.79 9.31
C THR A 122 -21.66 -25.95 8.89
N VAL A 123 -21.88 -24.64 8.90
CA VAL A 123 -20.90 -23.61 8.54
C VAL A 123 -21.14 -22.45 9.50
N GLN A 124 -20.11 -22.04 10.22
CA GLN A 124 -20.24 -20.95 11.17
C GLN A 124 -19.90 -19.64 10.48
N VAL A 125 -20.77 -18.65 10.62
CA VAL A 125 -20.53 -17.30 10.07
C VAL A 125 -20.87 -16.29 11.15
N PHE A 126 -19.93 -15.39 11.45
CA PHE A 126 -20.28 -14.21 12.23
C PHE A 126 -19.63 -13.00 11.60
N SER A 127 -20.33 -11.87 11.71
CA SER A 127 -19.79 -10.57 11.34
C SER A 127 -19.38 -9.86 12.61
N ASP A 128 -18.10 -9.53 12.72
CA ASP A 128 -17.56 -8.87 13.91
C ASP A 128 -17.97 -7.40 13.90
N SER A 129 -19.20 -7.15 14.33
CA SER A 129 -19.81 -5.84 14.23
C SER A 129 -19.55 -4.96 15.45
N GLU A 130 -18.62 -5.34 16.32
CA GLU A 130 -18.26 -4.53 17.47
C GLU A 130 -16.77 -4.27 17.55
N TYR A 131 -15.98 -4.82 16.62
CA TYR A 131 -14.58 -4.51 16.39
C TYR A 131 -13.68 -4.95 17.55
N GLN A 132 -13.97 -6.11 18.12
CA GLN A 132 -13.09 -6.69 19.13
C GLN A 132 -11.86 -7.37 18.55
N LEU A 133 -11.81 -7.58 17.25
CA LEU A 133 -10.78 -8.34 16.56
C LEU A 133 -9.77 -7.43 15.90
N PRO A 134 -8.59 -7.95 15.59
CA PRO A 134 -7.71 -7.24 14.64
C PRO A 134 -8.34 -7.13 13.27
N TYR A 135 -8.24 -5.94 12.69
CA TYR A 135 -8.88 -5.65 11.42
C TYR A 135 -7.81 -5.78 10.34
N VAL A 136 -7.70 -7.00 9.81
CA VAL A 136 -6.74 -7.33 8.78
C VAL A 136 -7.09 -6.68 7.44
N LEU A 137 -8.36 -6.33 7.23
CA LEU A 137 -8.80 -5.75 5.96
C LEU A 137 -8.22 -4.35 5.79
N GLY A 138 -8.02 -3.93 4.56
CA GLY A 138 -7.37 -2.67 4.30
C GLY A 138 -5.86 -2.75 4.30
N SER A 139 -5.29 -3.93 4.52
CA SER A 139 -3.86 -4.14 4.41
C SER A 139 -3.45 -4.52 2.99
N ALA A 140 -4.38 -4.45 2.03
CA ALA A 140 -4.17 -4.72 0.62
C ALA A 140 -3.65 -6.13 0.37
N HIS A 141 -4.48 -7.11 0.74
CA HIS A 141 -4.14 -8.51 0.53
C HIS A 141 -4.92 -9.07 -0.64
N GLN A 142 -4.65 -10.33 -0.94
CA GLN A 142 -5.34 -11.08 -1.96
C GLN A 142 -6.61 -11.68 -1.37
N GLY A 143 -7.23 -12.59 -2.12
CA GLY A 143 -8.40 -13.28 -1.62
C GLY A 143 -9.64 -12.44 -1.56
N CYS A 144 -9.79 -11.52 -2.49
CA CYS A 144 -11.00 -10.72 -2.57
C CYS A 144 -12.05 -11.48 -3.36
N LEU A 145 -13.17 -10.81 -3.61
CA LEU A 145 -13.99 -11.24 -4.72
C LEU A 145 -13.19 -11.07 -6.01
N PRO A 146 -13.31 -11.97 -6.97
CA PRO A 146 -12.56 -11.83 -8.20
C PRO A 146 -13.12 -10.69 -9.03
N PRO A 147 -12.32 -10.15 -9.97
CA PRO A 147 -12.85 -9.08 -10.82
C PRO A 147 -13.99 -9.53 -11.71
N PHE A 148 -13.79 -10.60 -12.42
CA PHE A 148 -14.74 -11.13 -13.38
C PHE A 148 -15.75 -12.00 -12.64
N PRO A 149 -17.06 -11.84 -12.89
CA PRO A 149 -18.05 -12.52 -12.05
C PRO A 149 -18.10 -14.02 -12.19
N ALA A 150 -17.63 -14.57 -13.31
CA ALA A 150 -17.68 -16.01 -13.51
C ALA A 150 -16.40 -16.69 -13.05
N ASP A 151 -15.98 -16.38 -11.83
CA ASP A 151 -14.78 -16.96 -11.23
C ASP A 151 -15.10 -17.48 -9.84
N VAL A 152 -14.79 -18.73 -9.60
CA VAL A 152 -14.84 -19.30 -8.26
C VAL A 152 -13.57 -18.88 -7.53
N PHE A 153 -13.72 -18.30 -6.34
CA PHE A 153 -12.55 -17.88 -5.58
C PHE A 153 -12.47 -18.69 -4.29
N MET A 154 -11.30 -18.61 -3.67
CA MET A 154 -10.98 -19.33 -2.44
C MET A 154 -10.81 -18.32 -1.32
N ILE A 155 -11.44 -18.61 -0.18
CA ILE A 155 -11.49 -17.64 0.93
C ILE A 155 -10.14 -17.59 1.63
N PRO A 156 -9.63 -16.41 2.00
CA PRO A 156 -8.38 -16.33 2.77
C PRO A 156 -8.43 -16.98 4.14
N GLN A 157 -7.30 -17.00 4.84
CA GLN A 157 -7.24 -17.50 6.20
C GLN A 157 -6.98 -16.33 7.13
N TYR A 158 -7.74 -16.26 8.22
CA TYR A 158 -7.66 -15.12 9.13
C TYR A 158 -6.53 -15.35 10.13
N GLY A 159 -5.41 -14.68 9.90
CA GLY A 159 -4.38 -14.64 10.90
C GLY A 159 -4.25 -13.22 11.43
N TYR A 160 -3.57 -13.03 12.55
CA TYR A 160 -3.40 -11.68 13.06
C TYR A 160 -2.07 -11.60 13.79
N LEU A 161 -1.45 -10.43 13.73
CA LEU A 161 -0.18 -10.16 14.39
C LEU A 161 -0.42 -9.25 15.59
N THR A 162 0.32 -9.50 16.65
CA THR A 162 0.28 -8.71 17.87
C THR A 162 1.68 -8.23 18.22
N LEU A 163 1.82 -7.69 19.42
CA LEU A 163 3.07 -7.08 19.85
C LEU A 163 4.15 -8.12 20.07
N ASN A 164 5.38 -7.72 19.80
CA ASN A 164 6.53 -8.61 19.93
C ASN A 164 7.75 -7.83 20.37
N ASN A 165 8.60 -8.49 21.15
CA ASN A 165 9.97 -8.03 21.38
C ASN A 165 10.93 -8.81 20.49
N GLY A 166 10.76 -8.64 19.19
CA GLY A 166 11.46 -9.47 18.24
C GLY A 166 10.57 -10.59 17.77
N SER A 167 10.92 -11.83 18.09
CA SER A 167 10.02 -12.96 17.89
C SER A 167 9.48 -13.50 19.20
N GLN A 168 9.64 -12.73 20.27
CA GLN A 168 9.07 -13.05 21.57
C GLN A 168 7.66 -12.48 21.66
N ALA A 169 7.03 -12.64 22.81
CA ALA A 169 5.68 -12.15 23.04
C ALA A 169 5.67 -11.38 24.35
N VAL A 170 5.50 -10.06 24.25
CA VAL A 170 5.35 -9.21 25.41
C VAL A 170 4.03 -9.55 26.12
N GLY A 171 3.93 -9.23 27.41
CA GLY A 171 2.71 -9.44 28.16
C GLY A 171 1.50 -8.62 27.76
N ARG A 172 1.62 -7.77 26.73
CA ARG A 172 0.49 -7.11 26.13
C ARG A 172 -0.03 -7.84 24.89
N SER A 173 0.62 -8.93 24.48
CA SER A 173 0.23 -9.66 23.27
C SER A 173 -1.10 -10.34 23.50
N SER A 174 -2.12 -9.86 22.81
CA SER A 174 -3.45 -10.40 23.00
C SER A 174 -3.65 -11.65 22.15
N PHE A 175 -4.36 -12.62 22.70
CA PHE A 175 -4.80 -13.79 21.96
C PHE A 175 -6.31 -13.71 21.81
N TYR A 176 -6.77 -13.93 20.59
CA TYR A 176 -8.20 -13.86 20.29
C TYR A 176 -8.68 -15.25 19.87
N CYS A 177 -9.48 -15.86 20.73
CA CYS A 177 -10.17 -17.09 20.40
C CYS A 177 -11.47 -16.72 19.72
N LEU A 178 -11.67 -17.20 18.50
CA LEU A 178 -12.78 -16.74 17.68
C LEU A 178 -14.03 -17.60 17.80
N GLU A 179 -13.96 -18.73 18.49
CA GLU A 179 -15.20 -19.39 18.89
C GLU A 179 -15.75 -18.82 20.18
N TYR A 180 -15.09 -17.81 20.75
CA TYR A 180 -15.59 -17.10 21.91
C TYR A 180 -16.45 -15.91 21.50
N PHE A 181 -16.94 -15.90 20.26
CA PHE A 181 -17.90 -14.99 19.69
C PHE A 181 -19.13 -15.76 19.23
N PRO A 182 -20.30 -15.18 19.34
CA PRO A 182 -21.50 -15.88 18.86
C PRO A 182 -21.54 -15.95 17.34
N SER A 183 -21.29 -17.14 16.79
CA SER A 183 -21.38 -17.32 15.35
C SER A 183 -22.80 -17.73 15.01
N GLN A 184 -23.01 -18.14 13.77
CA GLN A 184 -24.32 -18.61 13.30
C GLN A 184 -24.12 -19.89 12.53
N MET A 185 -24.65 -21.00 13.07
CA MET A 185 -24.56 -22.28 12.41
C MET A 185 -25.45 -22.28 11.18
N LEU A 186 -24.88 -22.59 10.02
CA LEU A 186 -25.62 -22.58 8.77
C LEU A 186 -25.54 -23.95 8.12
N ARG A 187 -26.68 -24.61 7.99
CA ARG A 187 -26.81 -25.86 7.25
C ARG A 187 -26.86 -25.55 5.75
N THR A 188 -27.27 -26.53 4.96
CA THR A 188 -27.37 -26.34 3.52
C THR A 188 -28.65 -25.64 3.09
N GLY A 189 -29.46 -25.16 4.03
CA GLY A 189 -30.69 -24.50 3.68
C GLY A 189 -30.82 -23.09 4.21
N ASN A 190 -29.91 -22.68 5.07
CA ASN A 190 -29.96 -21.40 5.72
C ASN A 190 -29.12 -20.38 4.94
N ASN A 191 -29.16 -19.13 5.39
CA ASN A 191 -28.39 -18.07 4.75
C ASN A 191 -28.02 -16.99 5.74
N PHE A 192 -26.85 -16.39 5.55
CA PHE A 192 -26.38 -15.30 6.39
C PHE A 192 -26.61 -13.97 5.70
N THR A 193 -27.34 -13.08 6.36
CA THR A 193 -27.59 -11.74 5.85
C THR A 193 -27.26 -10.75 6.96
N PHE A 194 -26.62 -9.63 6.59
CA PHE A 194 -26.67 -8.46 7.46
C PHE A 194 -26.54 -7.22 6.60
N SER A 195 -26.76 -6.07 7.23
CA SER A 195 -26.71 -4.79 6.56
C SER A 195 -25.80 -3.85 7.33
N TYR A 196 -25.34 -2.81 6.63
CA TYR A 196 -24.35 -1.91 7.19
C TYR A 196 -24.51 -0.56 6.51
N THR A 197 -24.37 0.52 7.26
CA THR A 197 -24.45 1.87 6.75
C THR A 197 -23.16 2.61 7.07
N PHE A 198 -22.52 3.16 6.03
CA PHE A 198 -21.27 3.87 6.16
C PHE A 198 -21.47 5.20 6.88
N GLU A 199 -20.36 5.79 7.29
CA GLU A 199 -20.33 7.09 7.93
C GLU A 199 -20.48 8.20 6.89
N GLU A 200 -20.46 9.45 7.32
CA GLU A 200 -20.46 10.56 6.38
C GLU A 200 -19.00 10.92 6.08
N VAL A 201 -18.35 10.01 5.38
CA VAL A 201 -16.98 10.15 4.91
C VAL A 201 -17.03 11.19 3.79
N PRO A 202 -16.00 12.00 3.56
CA PRO A 202 -16.06 12.95 2.45
C PRO A 202 -16.04 12.26 1.10
N PHE A 203 -16.55 12.97 0.10
CA PHE A 203 -16.51 12.48 -1.28
C PHE A 203 -15.08 12.35 -1.73
N HIS A 204 -14.77 11.24 -2.41
CA HIS A 204 -13.49 11.13 -3.05
C HIS A 204 -13.45 12.06 -4.24
N SER A 205 -12.49 12.98 -4.24
CA SER A 205 -12.40 14.00 -5.27
C SER A 205 -11.95 13.36 -6.58
N SER A 206 -12.91 13.02 -7.43
CA SER A 206 -12.61 12.40 -8.72
C SER A 206 -12.46 13.43 -9.83
N TYR A 207 -11.67 14.46 -9.59
CA TYR A 207 -11.41 15.50 -10.56
C TYR A 207 -9.96 15.93 -10.44
N ALA A 208 -9.49 16.62 -11.47
CA ALA A 208 -8.14 17.16 -11.48
C ALA A 208 -8.26 18.66 -11.64
N HIS A 209 -7.53 19.40 -10.82
CA HIS A 209 -7.64 20.86 -10.84
C HIS A 209 -7.08 21.42 -12.13
N SER A 210 -7.90 22.22 -12.82
CA SER A 210 -7.52 22.82 -14.09
C SER A 210 -6.74 24.11 -13.92
N GLN A 211 -6.33 24.43 -12.70
CA GLN A 211 -5.45 25.54 -12.40
C GLN A 211 -4.36 25.08 -11.46
N SER A 212 -3.18 25.65 -11.60
CA SER A 212 -2.11 25.38 -10.66
C SER A 212 -2.39 26.11 -9.35
N LEU A 213 -1.57 25.81 -8.34
CA LEU A 213 -1.72 26.51 -7.08
C LEU A 213 -0.96 27.82 -7.08
N ASP A 214 0.21 27.86 -7.73
CA ASP A 214 0.97 29.09 -7.87
C ASP A 214 0.60 29.85 -9.13
N ARG A 215 -0.59 29.60 -9.68
CA ARG A 215 -1.12 30.30 -10.84
C ARG A 215 -2.58 30.66 -10.59
N LEU A 216 -2.87 31.25 -9.44
CA LEU A 216 -4.22 31.58 -9.04
C LEU A 216 -4.49 33.08 -9.10
N MET A 217 -3.88 33.78 -10.05
CA MET A 217 -4.01 35.22 -10.15
C MET A 217 -4.43 35.63 -11.55
N ASN A 218 -4.98 36.83 -11.63
CA ASN A 218 -5.39 37.46 -12.88
C ASN A 218 -4.15 37.78 -13.69
N PRO A 219 -3.97 37.21 -14.88
CA PRO A 219 -2.72 37.39 -15.63
C PRO A 219 -2.53 38.76 -16.24
N LEU A 220 -3.44 39.71 -15.99
CA LEU A 220 -3.46 41.02 -16.61
C LEU A 220 -3.15 42.14 -15.63
N ILE A 221 -3.86 42.16 -14.50
CA ILE A 221 -3.69 43.19 -13.48
C ILE A 221 -2.48 42.81 -12.62
N ASP A 222 -1.72 43.82 -12.18
CA ASP A 222 -0.66 43.59 -11.22
C ASP A 222 -1.13 43.91 -9.82
N GLN A 223 -0.43 43.35 -8.83
CA GLN A 223 -0.87 43.43 -7.44
C GLN A 223 -0.59 44.81 -6.86
N TYR A 224 -1.05 45.01 -5.63
CA TYR A 224 -0.78 46.23 -4.90
C TYR A 224 0.24 46.03 -3.78
N LEU A 225 0.68 44.80 -3.58
CA LEU A 225 1.67 44.47 -2.57
C LEU A 225 3.05 44.49 -3.22
N TYR A 226 4.03 45.04 -2.53
CA TYR A 226 5.37 45.07 -3.08
C TYR A 226 6.18 43.95 -2.47
N TYR A 227 7.43 43.86 -2.90
CA TYR A 227 8.37 42.87 -2.43
C TYR A 227 9.76 43.38 -2.78
N LEU A 228 10.78 42.65 -2.36
CA LEU A 228 12.15 43.04 -2.63
C LEU A 228 12.58 42.44 -3.96
N ASN A 229 12.82 43.29 -4.95
CA ASN A 229 13.29 42.84 -6.25
C ASN A 229 14.79 42.77 -6.37
N ARG A 230 15.52 43.54 -5.57
CA ARG A 230 16.93 43.72 -5.85
C ARG A 230 17.63 44.24 -4.61
N THR A 231 18.71 43.58 -4.23
CA THR A 231 19.52 43.92 -3.06
C THR A 231 20.89 44.44 -3.50
N GLN A 232 20.99 44.85 -4.77
CA GLN A 232 22.27 45.31 -5.31
C GLN A 232 21.99 46.20 -6.53
N ASN A 233 22.19 47.50 -6.35
CA ASN A 233 22.02 48.45 -7.44
C ASN A 233 23.15 48.31 -8.44
N GLN A 234 22.82 48.13 -9.71
CA GLN A 234 23.82 48.04 -10.77
C GLN A 234 24.21 49.45 -11.21
N SER A 235 25.31 49.94 -10.65
CA SER A 235 25.93 51.18 -11.07
C SER A 235 27.20 50.91 -11.86
N GLY A 236 27.25 49.74 -12.49
CA GLY A 236 28.22 49.28 -13.49
C GLY A 236 29.62 49.05 -12.94
N SER A 237 29.86 49.23 -11.64
CA SER A 237 31.18 48.97 -11.08
C SER A 237 31.17 47.83 -10.07
N ALA A 238 30.38 47.93 -9.01
CA ALA A 238 30.48 46.99 -7.89
C ALA A 238 29.17 47.01 -7.10
N GLN A 239 29.21 46.47 -5.89
CA GLN A 239 28.04 46.31 -5.03
C GLN A 239 27.62 47.65 -4.44
N ASN A 240 26.31 47.81 -4.25
CA ASN A 240 25.80 49.01 -3.60
C ASN A 240 24.80 48.75 -2.48
N LYS A 241 23.97 47.71 -2.57
CA LYS A 241 22.96 47.33 -1.57
C LYS A 241 22.01 48.49 -1.26
N ASP A 242 21.23 48.88 -2.27
CA ASP A 242 20.29 49.97 -2.11
C ASP A 242 18.86 49.52 -1.80
N LEU A 243 18.60 48.21 -1.80
CA LEU A 243 17.33 47.61 -1.39
C LEU A 243 16.15 48.14 -2.22
N LEU A 244 16.17 47.77 -3.49
CA LEU A 244 15.15 48.23 -4.43
C LEU A 244 13.92 47.34 -4.34
N PHE A 245 12.81 47.91 -3.89
CA PHE A 245 11.52 47.26 -3.98
C PHE A 245 10.83 47.69 -5.26
N SER A 246 9.97 46.82 -5.79
CA SER A 246 9.07 47.26 -6.84
C SER A 246 7.84 46.38 -6.87
N ARG A 247 6.76 46.97 -7.38
CA ARG A 247 5.45 46.35 -7.43
C ARG A 247 5.46 45.15 -8.36
N GLY A 248 4.56 44.21 -8.11
CA GLY A 248 4.31 43.24 -9.16
C GLY A 248 3.40 42.14 -8.67
N SER A 249 3.10 41.21 -9.59
CA SER A 249 3.62 41.20 -10.97
C SER A 249 2.56 40.73 -11.95
N PRO A 250 2.60 41.24 -13.15
CA PRO A 250 1.80 40.61 -14.21
C PRO A 250 2.59 39.51 -14.91
N ALA A 251 3.92 39.60 -14.84
CA ALA A 251 4.82 38.76 -15.61
C ALA A 251 5.84 38.04 -14.75
N GLY A 252 6.36 38.71 -13.71
CA GLY A 252 7.27 38.04 -12.79
C GLY A 252 6.51 37.27 -11.73
N MET A 253 5.78 36.24 -12.17
CA MET A 253 4.81 35.56 -11.33
C MET A 253 5.42 34.74 -10.23
N SER A 254 6.69 34.37 -10.36
CA SER A 254 7.33 33.50 -9.39
C SER A 254 7.69 34.19 -8.10
N VAL A 255 7.62 35.52 -8.03
CA VAL A 255 8.11 36.27 -6.88
C VAL A 255 6.96 36.95 -6.12
N GLN A 256 5.74 36.89 -6.63
CA GLN A 256 4.59 37.56 -6.03
C GLN A 256 4.25 37.00 -4.65
N PRO A 257 3.53 37.78 -3.83
CA PRO A 257 2.92 37.19 -2.64
C PRO A 257 1.76 36.27 -2.98
N LYS A 258 1.95 34.97 -2.87
CA LYS A 258 0.86 34.02 -2.98
C LYS A 258 0.05 34.03 -1.69
N ASN A 259 -0.98 33.20 -1.65
CA ASN A 259 -1.85 33.14 -0.49
C ASN A 259 -1.87 31.77 0.17
N TRP A 260 -1.67 30.70 -0.58
CA TRP A 260 -1.70 29.36 -0.04
C TRP A 260 -0.35 28.69 -0.26
N LEU A 261 -0.25 27.43 0.16
CA LEU A 261 0.98 26.66 0.06
C LEU A 261 0.70 25.28 -0.51
N PRO A 262 1.65 24.69 -1.23
CA PRO A 262 1.52 23.29 -1.62
C PRO A 262 1.64 22.37 -0.43
N GLY A 263 1.24 21.11 -0.64
CA GLY A 263 1.05 20.20 0.45
C GLY A 263 2.35 19.71 1.06
N PRO A 264 2.24 18.81 2.03
CA PRO A 264 3.43 18.24 2.65
C PRO A 264 4.22 17.37 1.67
N CYS A 265 5.49 17.16 2.00
CA CYS A 265 6.36 16.39 1.14
C CYS A 265 7.26 15.51 2.00
N TYR A 266 7.69 14.40 1.39
CA TYR A 266 8.62 13.48 2.03
C TYR A 266 9.27 12.72 0.87
N ARG A 267 10.50 13.08 0.53
CA ARG A 267 11.08 12.69 -0.76
C ARG A 267 11.32 11.20 -0.88
N GLN A 268 10.90 10.65 -2.00
CA GLN A 268 11.25 9.30 -2.40
C GLN A 268 12.50 9.39 -3.28
N GLN A 269 12.85 8.32 -3.99
CA GLN A 269 14.03 8.31 -4.84
C GLN A 269 13.60 8.31 -6.30
N ARG A 270 14.28 9.12 -7.10
CA ARG A 270 14.00 9.23 -8.53
C ARG A 270 14.61 8.03 -9.25
N VAL A 271 13.77 7.11 -9.72
CA VAL A 271 14.21 5.88 -10.36
C VAL A 271 13.64 5.83 -11.77
N SER A 272 14.52 5.62 -12.75
CA SER A 272 14.12 5.56 -14.15
C SER A 272 13.55 4.21 -14.49
N LYS A 273 12.51 4.19 -15.32
CA LYS A 273 12.04 2.94 -15.90
C LYS A 273 13.03 2.40 -16.92
N THR A 274 13.84 3.27 -17.50
CA THR A 274 14.93 2.84 -18.38
C THR A 274 16.12 2.44 -17.52
N LYS A 275 16.58 1.20 -17.68
CA LYS A 275 17.59 0.63 -16.79
C LYS A 275 18.96 1.27 -16.96
N THR A 276 19.24 1.95 -18.06
CA THR A 276 20.56 2.51 -18.28
C THR A 276 20.81 3.78 -17.49
N ASP A 277 19.78 4.37 -16.88
CA ASP A 277 19.96 5.61 -16.14
C ASP A 277 19.59 5.39 -14.69
N ASN A 278 20.07 4.29 -14.12
CA ASN A 278 19.94 4.01 -12.70
C ASN A 278 21.30 3.63 -12.17
N ASN A 279 21.50 3.86 -10.87
CA ASN A 279 22.76 3.52 -10.23
C ASN A 279 22.90 2.00 -10.18
N ASN A 280 24.15 1.54 -10.17
CA ASN A 280 24.45 0.12 -10.28
C ASN A 280 24.51 -0.55 -8.90
N SER A 281 23.76 -0.03 -7.93
CA SER A 281 23.73 -0.57 -6.57
C SER A 281 22.36 -1.17 -6.28
N ASN A 282 22.18 -1.62 -5.03
CA ASN A 282 20.92 -2.21 -4.59
C ASN A 282 20.65 -1.69 -3.16
N PHE A 283 19.93 -0.55 -2.98
CA PHE A 283 19.19 0.37 -3.89
C PHE A 283 18.11 -0.41 -4.67
N THR A 284 17.06 -0.90 -4.00
CA THR A 284 16.46 -0.40 -2.76
C THR A 284 17.06 -0.79 -1.41
N TRP A 285 16.44 -0.25 -0.35
CA TRP A 285 16.68 -0.44 1.08
C TRP A 285 17.96 0.26 1.55
N THR A 286 18.76 0.75 0.63
CA THR A 286 19.94 1.54 0.92
C THR A 286 19.63 3.03 0.84
N GLY A 287 18.95 3.44 -0.22
CA GLY A 287 18.56 4.83 -0.36
C GLY A 287 17.07 5.03 -0.41
N ALA A 288 16.33 4.26 0.37
CA ALA A 288 14.89 4.39 0.43
C ALA A 288 14.46 5.25 1.61
N SER A 289 13.24 5.75 1.54
CA SER A 289 12.64 6.47 2.66
C SER A 289 12.00 5.47 3.59
N LYS A 290 12.36 5.53 4.88
CA LYS A 290 11.87 4.55 5.83
C LYS A 290 11.76 5.20 7.20
N TYR A 291 10.97 4.58 8.08
CA TYR A 291 10.73 5.13 9.40
C TYR A 291 11.04 4.11 10.49
N ASN A 292 11.56 4.61 11.61
CA ASN A 292 11.81 3.83 12.80
C ASN A 292 10.57 3.81 13.67
N LEU A 293 10.02 2.63 13.91
CA LEU A 293 8.89 2.45 14.81
C LEU A 293 9.25 1.29 15.72
N ASN A 294 9.45 1.59 17.02
CA ASN A 294 9.89 0.64 18.04
C ASN A 294 11.25 0.02 17.69
N GLY A 295 12.11 0.79 17.03
CA GLY A 295 13.43 0.29 16.71
C GLY A 295 13.49 -0.68 15.55
N ARG A 296 12.53 -0.65 14.65
CA ARG A 296 12.61 -1.44 13.42
C ARG A 296 12.13 -0.60 12.25
N GLU A 297 12.88 -0.68 11.14
CA GLU A 297 12.70 0.21 10.00
C GLU A 297 11.71 -0.36 9.01
N SER A 298 10.91 0.51 8.41
CA SER A 298 9.89 0.09 7.47
C SER A 298 9.76 1.15 6.39
N ILE A 299 9.77 0.71 5.12
CA ILE A 299 9.63 1.61 3.99
C ILE A 299 8.25 2.26 4.03
N ILE A 300 8.18 3.53 3.62
CA ILE A 300 6.97 4.34 3.78
C ILE A 300 5.88 3.76 2.90
N ASN A 301 6.07 3.82 1.57
CA ASN A 301 5.45 2.96 0.56
C ASN A 301 3.93 2.87 0.63
N PRO A 302 3.17 3.83 0.08
CA PRO A 302 3.58 4.81 -0.92
C PRO A 302 3.72 6.21 -0.40
N GLY A 303 3.65 6.36 0.91
CA GLY A 303 3.86 7.66 1.48
C GLY A 303 2.68 8.58 1.32
N THR A 304 2.96 9.86 1.52
CA THR A 304 1.95 10.88 1.39
C THR A 304 1.59 11.08 -0.08
N ALA A 305 0.43 11.70 -0.31
CA ALA A 305 -0.07 11.93 -1.65
C ALA A 305 0.78 12.98 -2.34
N MET A 306 1.61 12.55 -3.29
CA MET A 306 2.43 13.46 -4.06
C MET A 306 2.38 13.05 -5.52
N ALA A 307 2.74 13.98 -6.39
CA ALA A 307 2.78 13.68 -7.81
C ALA A 307 3.97 12.78 -8.13
N SER A 308 3.88 12.10 -9.26
CA SER A 308 4.89 11.09 -9.56
C SER A 308 6.15 11.68 -10.18
N HIS A 309 6.01 12.68 -11.03
CA HIS A 309 7.14 13.27 -11.73
C HIS A 309 6.75 14.65 -12.25
N LYS A 310 7.70 15.31 -12.88
CA LYS A 310 7.50 16.66 -13.40
C LYS A 310 6.81 16.61 -14.76
N ASP A 311 6.81 17.73 -15.48
CA ASP A 311 6.24 17.78 -16.81
C ASP A 311 7.11 17.04 -17.80
N ASP A 312 6.53 16.04 -18.46
CA ASP A 312 7.19 15.21 -19.49
C ASP A 312 8.43 14.50 -18.94
N GLU A 313 8.24 13.80 -17.83
CA GLU A 313 9.26 12.93 -17.24
C GLU A 313 8.64 11.58 -16.91
N ASP A 314 7.97 10.99 -17.91
CA ASP A 314 7.20 9.76 -17.73
C ASP A 314 8.07 8.57 -17.37
N LYS A 315 9.37 8.62 -17.68
CA LYS A 315 10.28 7.53 -17.39
C LYS A 315 10.61 7.40 -15.91
N PHE A 316 10.41 8.46 -15.12
CA PHE A 316 10.80 8.42 -13.72
C PHE A 316 9.59 8.04 -12.86
N PHE A 317 9.86 7.36 -11.76
CA PHE A 317 8.82 7.08 -10.79
C PHE A 317 9.47 7.08 -9.41
N PRO A 318 8.73 7.50 -8.37
CA PRO A 318 9.24 7.38 -7.01
C PRO A 318 9.44 5.93 -6.63
N MET A 319 10.51 5.67 -5.87
CA MET A 319 10.91 4.30 -5.54
C MET A 319 9.82 3.56 -4.77
N SER A 320 9.24 4.21 -3.77
CA SER A 320 8.02 3.70 -3.16
C SER A 320 7.07 4.87 -2.96
N GLY A 321 6.38 5.26 -4.02
CA GLY A 321 5.43 6.34 -3.94
C GLY A 321 4.29 6.14 -4.90
N VAL A 322 4.27 4.98 -5.55
CA VAL A 322 3.30 4.65 -6.57
C VAL A 322 2.68 3.31 -6.23
N MET A 323 1.42 3.14 -6.59
CA MET A 323 0.81 1.83 -6.56
C MET A 323 1.36 1.02 -7.72
N ILE A 324 1.81 -0.19 -7.47
CA ILE A 324 2.36 -1.05 -8.51
C ILE A 324 1.52 -2.31 -8.52
N PHE A 325 0.53 -2.38 -9.39
CA PHE A 325 -0.33 -3.54 -9.49
C PHE A 325 0.31 -4.55 -10.42
N GLY A 326 0.17 -5.82 -10.07
CA GLY A 326 0.71 -6.87 -10.89
C GLY A 326 -0.26 -7.28 -11.97
N LYS A 327 0.29 -7.67 -13.12
CA LYS A 327 -0.50 -8.29 -14.16
C LYS A 327 -0.58 -9.79 -13.91
N GLU A 328 -1.20 -10.51 -14.83
CA GLU A 328 -0.99 -11.94 -14.88
C GLU A 328 0.37 -12.20 -15.52
N SER A 329 0.85 -13.45 -15.37
CA SER A 329 2.22 -13.90 -15.58
C SER A 329 3.22 -13.14 -14.71
N ALA A 330 2.78 -12.60 -13.58
CA ALA A 330 3.67 -11.91 -12.65
C ALA A 330 3.71 -12.73 -11.36
N GLY A 331 4.89 -13.25 -11.04
CA GLY A 331 5.06 -14.02 -9.83
C GLY A 331 5.06 -13.13 -8.60
N ALA A 332 5.14 -13.79 -7.45
CA ALA A 332 5.21 -13.09 -6.18
C ALA A 332 6.65 -12.88 -5.72
N SER A 333 7.61 -12.97 -6.64
CA SER A 333 9.02 -12.79 -6.29
C SER A 333 9.79 -12.41 -7.53
N ASN A 334 10.35 -11.20 -7.54
CA ASN A 334 11.34 -10.73 -8.51
C ASN A 334 10.81 -10.81 -9.94
N THR A 335 9.77 -10.02 -10.17
CA THR A 335 9.16 -9.92 -11.48
C THR A 335 9.80 -8.74 -12.22
N ALA A 336 9.83 -8.80 -13.54
CA ALA A 336 10.45 -7.75 -14.34
C ALA A 336 9.50 -6.57 -14.49
N LEU A 337 9.90 -5.60 -15.32
CA LEU A 337 9.18 -4.34 -15.41
C LEU A 337 7.90 -4.49 -16.24
N ASP A 338 7.86 -5.47 -17.15
CA ASP A 338 6.75 -5.55 -18.08
C ASP A 338 5.49 -6.09 -17.41
N ASN A 339 5.64 -6.99 -16.44
CA ASN A 339 4.51 -7.70 -15.86
C ASN A 339 3.86 -6.95 -14.71
N VAL A 340 4.22 -5.70 -14.47
CA VAL A 340 3.60 -4.89 -13.44
C VAL A 340 2.97 -3.66 -14.07
N MET A 341 2.18 -2.94 -13.27
CA MET A 341 1.45 -1.76 -13.72
C MET A 341 1.74 -0.63 -12.73
N ILE A 342 2.75 0.20 -13.02
CA ILE A 342 3.05 1.34 -12.17
C ILE A 342 2.03 2.42 -12.46
N THR A 343 1.22 2.77 -11.46
CA THR A 343 0.20 3.78 -11.62
C THR A 343 0.84 5.16 -11.64
N ASP A 344 0.83 5.79 -12.80
CA ASP A 344 1.33 7.16 -12.92
C ASP A 344 0.36 8.11 -12.24
N GLU A 345 0.88 8.93 -11.33
CA GLU A 345 0.08 9.86 -10.54
C GLU A 345 0.50 11.27 -10.91
N GLU A 346 -0.20 11.90 -11.86
CA GLU A 346 0.21 13.21 -12.34
C GLU A 346 -0.92 14.22 -12.38
N GLU A 347 -2.15 13.85 -12.05
CA GLU A 347 -3.23 14.81 -12.07
C GLU A 347 -3.25 15.72 -10.85
N ILE A 348 -2.39 15.47 -9.86
CA ILE A 348 -2.37 16.27 -8.64
C ILE A 348 -1.09 17.09 -8.59
N LYS A 349 -0.51 17.40 -9.76
CA LYS A 349 0.67 18.25 -9.82
C LYS A 349 0.37 19.69 -9.42
N ALA A 350 -0.89 20.10 -9.44
CA ALA A 350 -1.27 21.48 -9.14
C ALA A 350 -1.04 21.81 -7.67
N THR A 351 -1.73 21.10 -6.78
CA THR A 351 -1.63 21.33 -5.34
C THR A 351 -0.44 20.60 -4.72
N ASN A 352 -0.27 19.32 -5.03
CA ASN A 352 0.74 18.48 -4.39
C ASN A 352 2.11 18.65 -5.02
N PRO A 353 3.18 18.44 -4.25
CA PRO A 353 4.53 18.46 -4.82
C PRO A 353 4.86 17.22 -5.63
N VAL A 354 6.11 17.13 -6.09
CA VAL A 354 6.62 15.95 -6.77
C VAL A 354 7.41 15.14 -5.76
N ALA A 355 7.17 13.83 -5.71
CA ALA A 355 7.76 12.99 -4.68
C ALA A 355 9.25 12.76 -4.86
N THR A 356 9.80 13.10 -6.02
CA THR A 356 11.22 13.01 -6.27
C THR A 356 11.92 14.37 -6.20
N GLU A 357 11.25 15.37 -5.65
CA GLU A 357 11.72 16.74 -5.69
C GLU A 357 11.61 17.36 -4.30
N ARG A 358 12.52 18.29 -4.01
CA ARG A 358 12.49 19.05 -2.79
C ARG A 358 11.22 19.93 -2.71
N PHE A 359 10.80 20.25 -1.50
CA PHE A 359 9.64 21.11 -1.32
C PHE A 359 10.10 22.53 -1.00
N GLY A 360 11.07 23.05 -1.75
CA GLY A 360 11.59 24.38 -1.53
C GLY A 360 12.89 24.38 -0.77
N THR A 361 13.35 25.60 -0.46
CA THR A 361 14.62 25.81 0.23
C THR A 361 14.42 26.89 1.29
N VAL A 362 14.67 26.55 2.55
CA VAL A 362 14.72 27.55 3.61
C VAL A 362 16.10 28.18 3.66
N ALA A 363 16.24 29.25 4.42
CA ALA A 363 17.52 29.88 4.67
C ALA A 363 18.15 29.32 5.94
N VAL A 364 19.48 29.30 5.98
CA VAL A 364 20.19 28.80 7.14
C VAL A 364 20.66 29.96 8.02
N ASN A 365 21.53 30.80 7.48
CA ASN A 365 22.28 31.74 8.30
C ASN A 365 21.62 33.12 8.31
N PHE A 366 22.33 34.09 8.88
CA PHE A 366 21.95 35.49 8.83
C PHE A 366 22.84 36.18 7.83
N GLN A 367 22.25 36.83 6.84
CA GLN A 367 23.04 37.53 5.84
C GLN A 367 23.55 38.83 6.43
N SER A 368 24.78 39.18 6.09
CA SER A 368 25.38 40.43 6.53
C SER A 368 26.40 40.84 5.48
N SER A 369 27.23 41.83 5.85
CA SER A 369 28.36 42.18 5.00
C SER A 369 29.42 41.09 5.04
N SER A 370 29.49 40.35 6.14
CA SER A 370 30.53 39.35 6.34
C SER A 370 30.19 38.02 5.67
N THR A 371 29.02 37.49 5.94
CA THR A 371 28.64 36.14 5.52
C THR A 371 27.57 36.21 4.44
N ASP A 372 27.72 35.35 3.42
CA ASP A 372 26.76 35.30 2.34
C ASP A 372 25.48 34.59 2.79
N PRO A 373 24.33 34.91 2.18
CA PRO A 373 23.08 34.25 2.60
C PRO A 373 22.98 32.81 2.12
N ALA A 374 23.55 31.90 2.90
CA ALA A 374 23.46 30.48 2.57
C ALA A 374 22.05 29.96 2.84
N THR A 375 21.55 29.14 1.93
CA THR A 375 20.25 28.52 2.06
C THR A 375 20.39 27.02 2.16
N GLY A 376 19.53 26.40 2.95
CA GLY A 376 19.47 24.96 3.09
C GLY A 376 18.35 24.40 2.24
N ASP A 377 18.40 23.08 2.06
CA ASP A 377 17.51 22.41 1.12
C ASP A 377 16.51 21.59 1.92
N VAL A 378 15.24 21.84 1.70
CA VAL A 378 14.18 21.15 2.44
C VAL A 378 13.86 19.84 1.73
N HIS A 379 13.70 18.76 2.47
CA HIS A 379 13.33 17.48 1.89
C HIS A 379 12.01 16.97 2.44
N ALA A 380 11.89 16.86 3.75
CA ALA A 380 10.65 16.48 4.41
C ALA A 380 9.98 17.72 4.96
N MET A 381 8.65 17.78 4.88
CA MET A 381 7.97 18.95 5.40
C MET A 381 6.66 18.50 6.04
N GLY A 382 6.53 18.73 7.33
CA GLY A 382 5.25 18.60 7.99
C GLY A 382 4.31 19.72 7.59
N ALA A 383 3.07 19.58 8.02
CA ALA A 383 2.03 20.50 7.58
C ALA A 383 2.17 21.84 8.30
N LEU A 384 2.42 22.89 7.54
CA LEU A 384 2.32 24.26 7.96
C LEU A 384 0.87 24.72 7.89
N PRO A 385 0.51 25.78 8.61
CA PRO A 385 -0.79 26.40 8.37
C PRO A 385 -0.84 27.03 6.99
N GLY A 386 -1.95 26.81 6.30
CA GLY A 386 -2.12 27.33 4.97
C GLY A 386 -1.72 26.40 3.85
N MET A 387 -1.40 25.14 4.15
CA MET A 387 -1.14 24.16 3.12
C MET A 387 -2.43 23.56 2.62
N VAL A 388 -2.56 23.45 1.31
CA VAL A 388 -3.61 22.67 0.69
C VAL A 388 -2.96 21.53 -0.07
N TRP A 389 -3.63 20.40 -0.12
CA TRP A 389 -3.14 19.27 -0.90
C TRP A 389 -4.34 18.49 -1.38
N GLN A 390 -4.08 17.44 -2.14
CA GLN A 390 -5.15 16.58 -2.60
C GLN A 390 -4.71 15.13 -2.43
N ASP A 391 -5.64 14.30 -1.96
CA ASP A 391 -5.33 12.94 -1.54
C ASP A 391 -5.02 12.06 -2.75
N ARG A 392 -4.53 10.85 -2.44
CA ARG A 392 -4.11 9.93 -3.47
C ARG A 392 -5.31 9.36 -4.22
N ASP A 393 -5.12 9.21 -5.53
CA ASP A 393 -6.11 8.68 -6.45
C ASP A 393 -6.47 7.24 -6.08
N VAL A 394 -7.70 6.85 -6.39
CA VAL A 394 -8.13 5.46 -6.26
C VAL A 394 -8.06 4.80 -7.62
N TYR A 395 -8.16 3.48 -7.64
CA TYR A 395 -8.02 2.73 -8.88
C TYR A 395 -9.09 1.66 -8.92
N LEU A 396 -9.29 1.07 -10.09
CA LEU A 396 -10.24 -0.02 -10.22
C LEU A 396 -9.74 -1.26 -9.50
N GLN A 397 -8.43 -1.39 -9.33
CA GLN A 397 -7.84 -2.49 -8.59
C GLN A 397 -7.70 -2.19 -7.11
N GLY A 398 -7.43 -0.94 -6.77
CA GLY A 398 -7.01 -0.56 -5.45
C GLY A 398 -8.12 -0.60 -4.44
N PRO A 399 -7.76 -0.39 -3.18
CA PRO A 399 -8.69 -0.64 -2.08
C PRO A 399 -9.72 0.46 -1.91
N ILE A 400 -10.85 0.09 -1.32
CA ILE A 400 -11.97 1.00 -1.17
C ILE A 400 -11.86 1.77 0.13
N TRP A 401 -11.77 1.08 1.25
CA TRP A 401 -11.68 1.75 2.54
C TRP A 401 -10.45 1.29 3.29
N ALA A 402 -10.31 1.81 4.51
CA ALA A 402 -9.38 1.31 5.50
C ALA A 402 -9.94 1.69 6.86
N LYS A 403 -9.39 1.11 7.92
CA LYS A 403 -9.83 1.42 9.27
C LYS A 403 -8.90 2.48 9.83
N ILE A 404 -9.46 3.60 10.27
CA ILE A 404 -8.72 4.58 11.05
C ILE A 404 -8.39 3.90 12.37
N PRO A 405 -7.13 3.77 12.76
CA PRO A 405 -6.81 3.07 14.00
C PRO A 405 -7.26 3.88 15.20
N HIS A 406 -7.73 3.17 16.23
CA HIS A 406 -8.36 3.83 17.37
C HIS A 406 -7.25 4.33 18.30
N THR A 407 -6.67 5.45 17.93
CA THR A 407 -5.66 6.14 18.70
C THR A 407 -6.26 7.38 19.32
N ASP A 408 -5.45 8.06 20.14
CA ASP A 408 -5.92 9.29 20.76
C ASP A 408 -5.85 10.48 19.83
N GLY A 409 -5.02 10.44 18.81
CA GLY A 409 -4.94 11.53 17.85
C GLY A 409 -4.52 11.04 16.50
N HIS A 410 -5.01 11.70 15.46
CA HIS A 410 -4.65 11.37 14.09
C HIS A 410 -4.85 12.61 13.23
N PHE A 411 -3.95 12.81 12.28
CA PHE A 411 -3.95 14.01 11.44
C PHE A 411 -4.38 13.65 10.03
N HIS A 412 -5.54 14.16 9.61
CA HIS A 412 -6.13 14.01 8.30
C HIS A 412 -6.23 12.54 7.94
N PRO A 413 -7.18 11.82 8.49
CA PRO A 413 -7.16 10.36 8.36
C PRO A 413 -7.53 9.82 6.98
N SER A 414 -6.80 10.24 5.96
CA SER A 414 -6.97 9.53 4.71
C SER A 414 -5.90 8.47 4.58
N PRO A 415 -6.27 7.27 4.12
CA PRO A 415 -5.31 6.18 4.01
C PRO A 415 -4.31 6.48 2.92
N LEU A 416 -3.05 6.11 3.16
CA LEU A 416 -1.99 6.47 2.23
C LEU A 416 -2.04 5.66 0.95
N MET A 417 -2.74 4.55 0.93
CA MET A 417 -3.01 3.81 -0.30
C MET A 417 -4.22 4.34 -1.04
N GLY A 418 -4.83 5.42 -0.56
CA GLY A 418 -6.05 5.91 -1.15
C GLY A 418 -7.27 5.21 -0.59
N GLY A 419 -8.39 5.90 -0.70
CA GLY A 419 -9.64 5.31 -0.24
C GLY A 419 -10.34 6.13 0.81
N PHE A 420 -11.25 5.50 1.53
CA PHE A 420 -12.08 6.17 2.51
C PHE A 420 -11.64 5.71 3.89
N GLY A 421 -11.01 6.61 4.64
CA GLY A 421 -10.66 6.29 6.01
C GLY A 421 -11.90 6.28 6.86
N LEU A 422 -12.26 5.10 7.36
CA LEU A 422 -13.48 4.93 8.14
C LEU A 422 -13.11 4.63 9.58
N LYS A 423 -13.79 5.31 10.52
CA LYS A 423 -13.61 4.98 11.92
C LYS A 423 -14.20 3.62 12.23
N ASN A 424 -15.43 3.39 11.78
CA ASN A 424 -16.15 2.13 11.93
C ASN A 424 -16.29 1.53 10.54
N PRO A 425 -15.35 0.72 10.10
CA PRO A 425 -15.38 0.20 8.73
C PRO A 425 -16.44 -0.89 8.60
N PRO A 426 -16.66 -1.42 7.40
CA PRO A 426 -17.46 -2.63 7.26
C PRO A 426 -16.89 -3.77 8.09
N PRO A 427 -17.72 -4.46 8.86
CA PRO A 427 -17.22 -5.43 9.81
C PRO A 427 -16.70 -6.67 9.11
N GLN A 428 -15.73 -7.32 9.74
CA GLN A 428 -15.18 -8.55 9.19
C GLN A 428 -16.17 -9.68 9.31
N ILE A 429 -16.45 -10.34 8.19
CA ILE A 429 -17.32 -11.49 8.16
C ILE A 429 -16.43 -12.72 8.14
N LEU A 430 -16.45 -13.49 9.22
CA LEU A 430 -15.57 -14.64 9.32
C LEU A 430 -16.35 -15.92 9.20
N ILE A 431 -15.78 -16.89 8.49
CA ILE A 431 -16.47 -18.13 8.14
C ILE A 431 -15.54 -19.30 8.43
N LYS A 432 -16.12 -20.42 8.85
CA LYS A 432 -15.35 -21.58 9.27
C LYS A 432 -16.22 -22.83 9.20
N ASN A 433 -15.66 -23.90 8.64
CA ASN A 433 -16.33 -25.20 8.67
C ASN A 433 -16.34 -25.73 10.09
N THR A 434 -17.52 -26.11 10.57
CA THR A 434 -17.63 -26.76 11.87
C THR A 434 -16.91 -28.10 11.83
N PRO A 435 -16.01 -28.37 12.78
CA PRO A 435 -15.25 -29.64 12.76
C PRO A 435 -16.15 -30.82 13.07
N VAL A 436 -16.25 -31.74 12.12
CA VAL A 436 -16.96 -33.00 12.30
C VAL A 436 -15.92 -34.08 12.52
N PRO A 437 -15.86 -34.71 13.68
CA PRO A 437 -14.79 -35.67 13.94
C PRO A 437 -15.05 -37.02 13.28
N ALA A 438 -13.98 -37.78 13.15
CA ALA A 438 -14.06 -39.15 12.70
C ALA A 438 -14.41 -40.04 13.89
N ASN A 439 -14.34 -41.35 13.72
CA ASN A 439 -14.79 -42.28 14.75
C ASN A 439 -13.92 -42.25 15.99
N PRO A 440 -14.48 -41.99 17.17
CA PRO A 440 -13.70 -42.05 18.39
C PRO A 440 -13.52 -43.49 18.83
N PRO A 441 -12.52 -43.79 19.64
CA PRO A 441 -12.35 -45.16 20.15
C PRO A 441 -13.38 -45.49 21.21
N ALA A 442 -13.44 -46.77 21.56
CA ALA A 442 -14.49 -47.26 22.45
C ALA A 442 -14.24 -46.86 23.89
N GLU A 443 -12.99 -46.88 24.35
CA GLU A 443 -12.67 -46.37 25.67
C GLU A 443 -12.49 -44.86 25.61
N PHE A 444 -12.87 -44.21 26.71
CA PHE A 444 -12.77 -42.76 26.80
C PHE A 444 -11.31 -42.32 26.82
N SER A 445 -11.04 -41.22 26.11
CA SER A 445 -9.70 -40.66 26.03
C SER A 445 -9.74 -39.20 26.44
N ALA A 446 -8.64 -38.75 27.06
CA ALA A 446 -8.56 -37.37 27.52
C ALA A 446 -8.07 -36.43 26.42
N THR A 447 -7.19 -36.92 25.55
CA THR A 447 -6.64 -36.11 24.47
C THR A 447 -7.73 -35.75 23.48
N LYS A 448 -7.67 -34.52 22.93
CA LYS A 448 -8.79 -33.90 22.24
C LYS A 448 -9.29 -34.63 21.00
N PHE A 449 -8.60 -34.53 19.86
CA PHE A 449 -8.88 -35.23 18.61
C PHE A 449 -7.72 -35.09 17.65
N ALA A 450 -7.21 -36.21 17.14
CA ALA A 450 -6.18 -36.20 16.12
C ALA A 450 -6.72 -36.62 14.75
N SER A 451 -8.05 -36.64 14.60
CA SER A 451 -8.65 -37.15 13.36
C SER A 451 -10.02 -36.50 13.19
N PHE A 452 -10.16 -35.73 12.12
CA PHE A 452 -11.43 -35.16 11.70
C PHE A 452 -11.76 -35.67 10.31
N ILE A 453 -12.99 -35.42 9.89
CA ILE A 453 -13.39 -35.67 8.50
C ILE A 453 -12.96 -34.49 7.65
N THR A 454 -12.17 -34.77 6.61
CA THR A 454 -11.73 -33.73 5.69
C THR A 454 -12.91 -33.24 4.88
N GLN A 455 -13.21 -31.95 4.99
CA GLN A 455 -14.35 -31.41 4.27
C GLN A 455 -14.06 -29.96 3.90
N TYR A 456 -14.95 -29.41 3.09
CA TYR A 456 -14.84 -28.03 2.64
C TYR A 456 -16.24 -27.59 2.27
N SER A 457 -16.43 -26.30 2.14
CA SER A 457 -17.72 -25.76 1.77
C SER A 457 -17.63 -25.05 0.43
N THR A 458 -18.79 -24.73 -0.10
CA THR A 458 -18.93 -23.87 -1.26
C THR A 458 -20.29 -23.21 -1.17
N GLY A 459 -20.52 -22.22 -2.02
CA GLY A 459 -21.73 -21.44 -1.93
C GLY A 459 -21.54 -20.11 -2.63
N GLN A 460 -22.58 -19.31 -2.56
CA GLN A 460 -22.55 -18.00 -3.19
C GLN A 460 -22.59 -16.89 -2.13
N VAL A 461 -22.18 -15.70 -2.54
CA VAL A 461 -22.08 -14.55 -1.65
C VAL A 461 -22.35 -13.25 -2.39
N SER A 462 -23.32 -12.47 -1.92
CA SER A 462 -23.73 -11.23 -2.58
C SER A 462 -23.33 -10.03 -1.74
N VAL A 463 -22.69 -9.06 -2.38
CA VAL A 463 -22.35 -7.79 -1.75
C VAL A 463 -22.95 -6.68 -2.59
N GLU A 464 -23.71 -5.80 -1.95
CA GLU A 464 -24.50 -4.78 -2.64
C GLU A 464 -24.27 -3.43 -2.00
N ILE A 465 -23.33 -2.66 -2.54
CA ILE A 465 -22.99 -1.35 -1.98
C ILE A 465 -23.72 -0.28 -2.76
N GLU A 466 -24.50 0.53 -2.06
CA GLU A 466 -25.08 1.74 -2.61
C GLU A 466 -24.13 2.91 -2.44
N TRP A 467 -23.80 3.56 -3.54
CA TRP A 467 -22.85 4.67 -3.56
C TRP A 467 -23.63 5.97 -3.68
N GLU A 468 -22.99 7.08 -3.35
CA GLU A 468 -23.58 8.40 -3.50
C GLU A 468 -22.70 9.24 -4.40
N LEU A 469 -23.24 9.63 -5.54
CA LEU A 469 -22.46 10.31 -6.57
C LEU A 469 -22.52 11.81 -6.40
N GLN A 470 -21.54 12.49 -6.94
CA GLN A 470 -21.50 13.95 -6.95
C GLN A 470 -21.48 14.38 -8.41
N LYS A 471 -22.64 14.76 -8.92
CA LYS A 471 -22.76 15.17 -10.32
C LYS A 471 -22.00 16.46 -10.55
N GLU A 472 -21.35 16.56 -11.70
CA GLU A 472 -20.53 17.73 -11.98
C GLU A 472 -21.40 18.94 -12.30
N ASN A 473 -20.85 20.11 -12.06
CA ASN A 473 -21.54 21.39 -12.20
C ASN A 473 -20.63 22.35 -12.95
N SER A 474 -20.08 21.88 -14.07
CA SER A 474 -19.03 22.61 -14.75
C SER A 474 -19.60 23.57 -15.77
N LYS A 475 -18.85 24.65 -15.99
CA LYS A 475 -19.10 25.59 -17.09
C LYS A 475 -17.88 25.69 -17.98
N ARG A 476 -17.10 24.62 -18.04
CA ARG A 476 -16.02 24.49 -18.99
C ARG A 476 -16.58 24.53 -20.41
N TRP A 477 -15.84 25.15 -21.32
CA TRP A 477 -16.27 25.23 -22.71
C TRP A 477 -15.78 24.05 -23.52
N ASN A 478 -14.47 23.88 -23.62
CA ASN A 478 -13.86 22.86 -24.45
C ASN A 478 -14.10 21.47 -23.87
N PRO A 479 -13.97 20.40 -24.67
CA PRO A 479 -14.27 19.06 -24.16
C PRO A 479 -13.30 18.59 -23.09
N GLU A 480 -13.79 17.69 -22.26
CA GLU A 480 -12.98 17.11 -21.19
C GLU A 480 -12.11 15.99 -21.74
N VAL A 481 -11.16 15.55 -20.93
CA VAL A 481 -10.40 14.33 -21.21
C VAL A 481 -11.06 13.20 -20.46
N GLN A 482 -11.55 12.21 -21.18
CA GLN A 482 -12.30 11.12 -20.58
C GLN A 482 -11.67 9.78 -20.95
N TYR A 483 -11.95 8.78 -20.13
CA TYR A 483 -11.35 7.46 -20.33
C TYR A 483 -12.03 6.77 -21.49
N THR A 484 -11.31 6.63 -22.60
CA THR A 484 -11.83 5.96 -23.77
C THR A 484 -11.04 4.69 -24.04
N SER A 485 -11.71 3.73 -24.68
CA SER A 485 -11.05 2.55 -25.18
C SER A 485 -10.30 2.89 -26.47
N ASN A 486 -9.26 2.11 -26.74
CA ASN A 486 -8.44 2.34 -27.93
C ASN A 486 -9.19 1.86 -29.17
N TYR A 487 -9.66 2.80 -29.98
CA TYR A 487 -10.37 2.46 -31.21
C TYR A 487 -9.35 2.09 -32.29
N ALA A 488 -9.14 0.79 -32.46
CA ALA A 488 -8.21 0.28 -33.46
C ALA A 488 -8.54 -1.19 -33.72
N LYS A 489 -8.08 -1.69 -34.85
CA LYS A 489 -8.11 -3.14 -35.10
C LYS A 489 -7.13 -3.77 -34.12
N SER A 490 -7.64 -4.35 -33.05
CA SER A 490 -6.83 -4.90 -31.99
C SER A 490 -6.83 -6.41 -32.03
N ALA A 491 -5.82 -7.01 -31.40
CA ALA A 491 -5.74 -8.45 -31.34
C ALA A 491 -6.70 -9.03 -30.31
N ASN A 492 -6.90 -8.31 -29.20
CA ASN A 492 -7.74 -8.78 -28.12
C ASN A 492 -8.40 -7.55 -27.49
N VAL A 493 -9.65 -7.71 -27.08
CA VAL A 493 -10.39 -6.61 -26.49
C VAL A 493 -9.95 -6.43 -25.05
N ASP A 494 -9.67 -5.19 -24.65
CA ASP A 494 -9.19 -4.92 -23.31
C ASP A 494 -10.30 -5.09 -22.27
N PHE A 495 -9.89 -5.51 -21.07
CA PHE A 495 -10.77 -5.85 -19.94
C PHE A 495 -11.77 -6.94 -20.30
N THR A 496 -11.34 -7.93 -21.08
CA THR A 496 -12.18 -9.08 -21.43
C THR A 496 -11.37 -10.36 -21.29
N VAL A 497 -12.01 -11.48 -21.61
CA VAL A 497 -11.41 -12.81 -21.54
C VAL A 497 -10.54 -13.06 -22.75
N ASP A 498 -9.82 -14.16 -22.74
CA ASP A 498 -8.82 -14.49 -23.75
C ASP A 498 -9.25 -15.75 -24.50
N ASN A 499 -8.33 -16.33 -25.26
CA ASN A 499 -8.63 -17.54 -26.03
C ASN A 499 -8.94 -18.73 -25.12
N ASN A 500 -8.50 -18.71 -23.87
CA ASN A 500 -8.73 -19.79 -22.93
C ASN A 500 -9.19 -19.25 -21.59
N GLY A 501 -9.93 -18.14 -21.62
CA GLY A 501 -10.68 -17.65 -20.48
C GLY A 501 -9.89 -17.16 -19.29
N LEU A 502 -9.04 -16.15 -19.48
CA LEU A 502 -8.31 -15.51 -18.40
C LEU A 502 -8.65 -14.04 -18.45
N TYR A 503 -9.36 -13.56 -17.43
CA TYR A 503 -9.74 -12.16 -17.37
C TYR A 503 -8.52 -11.33 -17.01
N THR A 504 -8.07 -10.51 -17.96
CA THR A 504 -6.84 -9.73 -17.80
C THR A 504 -7.20 -8.25 -17.82
N GLU A 505 -7.03 -7.59 -16.69
CA GLU A 505 -7.11 -6.14 -16.64
C GLU A 505 -5.83 -5.55 -17.20
N PRO A 506 -5.88 -4.80 -18.30
CA PRO A 506 -4.64 -4.40 -18.98
C PRO A 506 -3.91 -3.24 -18.35
N ARG A 507 -4.64 -2.32 -17.71
CA ARG A 507 -4.02 -1.09 -17.23
C ARG A 507 -4.75 -0.62 -15.99
N PRO A 508 -4.09 0.11 -15.09
CA PRO A 508 -4.81 0.67 -13.95
C PRO A 508 -5.57 1.92 -14.36
N ILE A 509 -6.84 1.98 -14.00
CA ILE A 509 -7.68 3.13 -14.30
C ILE A 509 -7.84 3.93 -13.04
N GLY A 510 -7.43 5.19 -13.05
CA GLY A 510 -7.66 6.10 -11.94
C GLY A 510 -9.09 6.59 -11.88
N THR A 511 -9.27 7.76 -11.31
CA THR A 511 -10.59 8.38 -11.35
C THR A 511 -10.56 9.87 -11.62
N ARG A 512 -9.38 10.47 -11.82
CA ARG A 512 -9.26 11.91 -11.96
C ARG A 512 -9.16 12.22 -13.44
N TYR A 513 -10.31 12.41 -14.08
CA TYR A 513 -10.36 12.84 -15.47
C TYR A 513 -11.06 14.16 -15.67
N LEU A 514 -11.93 14.57 -14.75
CA LEU A 514 -12.65 15.82 -14.92
C LEU A 514 -11.86 16.98 -14.36
N THR A 515 -12.31 18.18 -14.70
CA THR A 515 -11.61 19.41 -14.34
C THR A 515 -12.56 20.33 -13.61
N ARG A 516 -12.32 20.51 -12.32
CA ARG A 516 -12.85 21.59 -11.52
C ARG A 516 -11.78 22.68 -11.42
N PRO A 517 -12.12 23.97 -11.53
CA PRO A 517 -11.11 25.00 -11.24
C PRO A 517 -10.75 25.00 -9.77
N LEU A 518 -9.53 25.41 -9.47
CA LEU A 518 -9.03 25.33 -8.11
C LEU A 518 -9.69 26.40 -7.26
N PRO B 1 22.98 -19.69 14.76
CA PRO B 1 24.07 -19.18 15.58
C PRO B 1 23.79 -17.71 15.90
N PRO B 2 23.99 -16.81 14.91
CA PRO B 2 23.44 -15.46 14.91
C PRO B 2 23.22 -14.91 13.51
N ILE B 3 23.02 -15.78 12.50
CA ILE B 3 23.52 -15.67 11.12
C ILE B 3 23.49 -14.29 10.47
N ALA B 4 24.64 -13.85 9.95
CA ALA B 4 24.80 -12.54 9.33
C ALA B 4 24.99 -12.66 7.83
N ILE B 5 24.53 -11.64 7.10
CA ILE B 5 24.70 -11.57 5.65
C ILE B 5 24.95 -10.11 5.27
N VAL B 6 25.93 -9.89 4.39
CA VAL B 6 26.34 -8.55 3.99
C VAL B 6 25.69 -8.26 2.63
N SER B 7 25.73 -6.98 2.21
CA SER B 7 24.81 -6.47 1.19
C SER B 7 25.08 -7.06 -0.21
N PRO B 8 26.16 -6.69 -0.99
CA PRO B 8 26.92 -7.78 -1.62
C PRO B 8 28.19 -8.04 -0.85
N GLN B 9 28.87 -9.15 -1.14
CA GLN B 9 30.25 -9.26 -0.71
C GLN B 9 31.17 -8.45 -1.63
N PHE B 10 30.72 -8.19 -2.86
CA PHE B 10 31.56 -7.66 -3.93
C PHE B 10 30.91 -6.41 -4.48
N GLN B 11 31.61 -5.28 -4.41
CA GLN B 11 31.13 -4.03 -4.97
C GLN B 11 32.07 -3.51 -6.04
N GLU B 12 31.56 -2.61 -6.86
CA GLU B 12 32.34 -1.97 -7.93
C GLU B 12 32.05 -0.47 -7.91
N ILE B 13 33.02 0.30 -7.44
CA ILE B 13 32.89 1.74 -7.29
C ILE B 13 33.79 2.40 -8.32
N SER B 14 33.25 3.33 -9.08
CA SER B 14 33.99 4.02 -10.14
C SER B 14 34.53 5.34 -9.64
N LEU B 15 35.78 5.63 -9.97
CA LEU B 15 36.42 6.89 -9.63
C LEU B 15 35.94 7.99 -10.56
N PRO B 16 35.95 9.27 -10.12
CA PRO B 16 36.34 9.86 -8.83
C PRO B 16 35.33 9.70 -7.69
N THR B 17 34.13 9.22 -8.01
CA THR B 17 33.02 9.22 -7.06
C THR B 17 33.21 8.10 -6.04
N THR B 18 33.62 8.47 -4.82
CA THR B 18 33.87 7.51 -3.75
C THR B 18 32.91 7.81 -2.60
N SER B 19 31.70 7.24 -2.67
CA SER B 19 30.74 7.33 -1.58
C SER B 19 29.78 6.14 -1.70
N THR B 20 30.03 5.10 -0.90
CA THR B 20 29.26 3.86 -0.99
C THR B 20 28.60 3.54 0.35
N VAL B 21 27.78 2.49 0.33
CA VAL B 21 27.07 2.00 1.50
C VAL B 21 27.14 0.47 1.49
N ILE B 22 27.66 -0.11 2.56
CA ILE B 22 27.51 -1.54 2.81
C ILE B 22 26.36 -1.73 3.79
N ASP B 23 25.32 -2.43 3.35
CA ASP B 23 24.07 -2.60 4.08
C ASP B 23 24.05 -3.97 4.74
N GLY B 24 24.61 -4.05 5.94
CA GLY B 24 24.53 -5.29 6.70
C GLY B 24 23.28 -5.37 7.56
N SER B 25 22.17 -4.90 7.02
CA SER B 25 20.93 -4.82 7.76
C SER B 25 19.93 -5.88 7.32
N GLN B 26 20.37 -6.80 6.47
CA GLN B 26 19.53 -7.91 6.05
C GLN B 26 19.97 -9.17 6.78
N SER B 27 20.85 -8.98 7.77
CA SER B 27 21.31 -10.07 8.61
C SER B 27 20.19 -10.52 9.54
N THR B 28 19.96 -11.82 9.58
CA THR B 28 18.79 -12.37 10.24
C THR B 28 19.17 -12.93 11.61
N ASP B 29 18.19 -13.54 12.28
CA ASP B 29 18.28 -14.12 13.61
C ASP B 29 16.92 -14.76 13.89
N ASP B 30 16.84 -15.54 14.97
CA ASP B 30 15.55 -15.99 15.44
C ASP B 30 14.97 -15.09 16.54
N ASP B 31 15.79 -14.19 17.08
CA ASP B 31 15.42 -13.21 18.10
C ASP B 31 15.88 -11.85 17.57
N LYS B 32 15.91 -10.83 18.42
CA LYS B 32 16.54 -9.59 18.01
C LYS B 32 18.06 -9.76 17.99
N ILE B 33 18.73 -8.88 17.26
CA ILE B 33 20.18 -8.73 17.35
C ILE B 33 20.46 -7.45 18.12
N VAL B 34 21.35 -7.54 19.11
CA VAL B 34 21.57 -6.44 20.04
C VAL B 34 22.34 -5.31 19.37
N GLN B 35 23.47 -5.63 18.74
CA GLN B 35 24.19 -4.63 17.98
C GLN B 35 24.79 -5.26 16.73
N TYR B 36 25.10 -4.41 15.76
CA TYR B 36 25.89 -4.79 14.61
C TYR B 36 27.24 -4.11 14.74
N HIS B 37 28.32 -4.82 14.43
CA HIS B 37 29.66 -4.32 14.66
C HIS B 37 30.48 -4.43 13.39
N TRP B 38 30.95 -3.30 12.89
CA TRP B 38 31.82 -3.27 11.72
C TRP B 38 33.28 -3.18 12.14
N GLU B 39 34.14 -3.80 11.36
CA GLU B 39 35.60 -3.72 11.54
C GLU B 39 36.21 -3.52 10.17
N GLU B 40 37.53 -3.68 10.08
CA GLU B 40 38.23 -3.50 8.81
C GLU B 40 39.42 -4.45 8.76
N LEU B 41 39.68 -5.04 7.60
CA LEU B 41 40.80 -5.96 7.46
C LEU B 41 41.92 -5.31 6.63
N LYS B 42 41.60 -4.93 5.40
CA LYS B 42 42.59 -4.42 4.46
C LYS B 42 42.39 -2.93 4.23
N GLY B 43 43.13 -2.38 3.28
CA GLY B 43 42.96 -1.02 2.85
C GLY B 43 43.97 -0.06 3.44
N PRO B 44 44.26 1.02 2.73
CA PRO B 44 45.14 2.06 3.27
C PRO B 44 44.39 2.93 4.28
N LEU B 45 45.10 3.95 4.77
CA LEU B 45 44.61 4.80 5.84
C LEU B 45 43.96 6.04 5.25
N ARG B 46 43.68 7.02 6.13
CA ARG B 46 43.07 8.31 5.83
C ARG B 46 41.66 8.14 5.23
N GLU B 47 40.78 7.59 6.07
CA GLU B 47 39.35 7.53 5.78
C GLU B 47 38.58 8.08 6.97
N GLU B 48 37.41 8.64 6.69
CA GLU B 48 36.54 9.17 7.75
C GLU B 48 35.58 8.08 8.16
N LYS B 49 35.96 7.33 9.19
CA LYS B 49 35.11 6.26 9.71
C LYS B 49 33.91 6.84 10.43
N ILE B 50 32.72 6.41 10.02
CA ILE B 50 31.46 6.90 10.58
C ILE B 50 30.67 5.69 11.07
N SER B 51 30.51 5.58 12.40
CA SER B 51 29.56 4.71 13.09
C SER B 51 29.80 3.23 12.77
N GLU B 52 30.94 2.73 13.25
CA GLU B 52 31.27 1.31 13.10
C GLU B 52 30.37 0.40 13.93
N ASP B 53 29.72 0.92 14.97
CA ASP B 53 28.83 0.14 15.81
C ASP B 53 27.36 0.25 15.39
N THR B 54 27.11 0.45 14.09
CA THR B 54 25.74 0.59 13.60
C THR B 54 25.44 -0.37 12.46
N ALA B 55 24.30 -0.18 11.81
CA ALA B 55 23.78 -1.12 10.82
C ALA B 55 24.19 -0.78 9.40
N ILE B 56 23.81 0.41 8.93
CA ILE B 56 24.04 0.85 7.56
C ILE B 56 25.29 1.72 7.54
N LEU B 57 26.26 1.36 6.72
CA LEU B 57 27.47 2.15 6.65
C LEU B 57 27.25 3.42 5.82
N LYS B 58 28.15 4.37 6.03
CA LYS B 58 28.24 5.58 5.20
C LYS B 58 29.73 5.79 4.93
N LEU B 59 30.21 5.16 3.86
CA LEU B 59 31.63 5.15 3.54
C LEU B 59 31.99 6.29 2.60
N SER B 60 33.09 6.97 2.92
CA SER B 60 33.56 8.11 2.14
C SER B 60 35.07 8.06 2.04
N LYS B 61 35.59 8.76 1.02
CA LYS B 61 37.02 8.99 0.80
C LYS B 61 37.78 7.66 0.63
N LEU B 62 37.44 6.97 -0.45
CA LEU B 62 37.94 5.63 -0.71
C LEU B 62 39.08 5.68 -1.73
N VAL B 63 40.26 5.29 -1.31
CA VAL B 63 41.40 5.14 -2.22
C VAL B 63 41.15 3.94 -3.13
N PRO B 64 41.34 4.05 -4.44
CA PRO B 64 41.26 2.87 -5.32
C PRO B 64 42.32 1.84 -4.97
N GLY B 65 41.85 0.67 -4.53
CA GLY B 65 42.67 -0.39 -4.03
C GLY B 65 41.83 -1.59 -3.64
N ASN B 66 42.06 -2.14 -2.46
CA ASN B 66 41.24 -3.24 -1.93
C ASN B 66 40.95 -2.97 -0.48
N TYR B 67 39.73 -2.52 -0.18
CA TYR B 67 39.25 -2.49 1.18
C TYR B 67 38.53 -3.79 1.50
N THR B 68 38.54 -4.14 2.78
CA THR B 68 37.83 -5.33 3.25
C THR B 68 37.37 -5.07 4.66
N PHE B 69 36.08 -4.82 4.83
CA PHE B 69 35.46 -4.64 6.14
C PHE B 69 34.90 -5.99 6.60
N SER B 70 34.31 -6.00 7.79
CA SER B 70 33.75 -7.22 8.34
C SER B 70 32.64 -6.87 9.31
N LEU B 71 31.45 -7.44 9.08
CA LEU B 71 30.32 -7.27 9.98
C LEU B 71 30.27 -8.39 11.00
N THR B 72 30.00 -8.05 12.25
CA THR B 72 29.84 -9.03 13.33
C THR B 72 28.60 -8.68 14.12
N VAL B 73 27.68 -9.63 14.26
CA VAL B 73 26.43 -9.43 14.97
C VAL B 73 26.48 -10.17 16.30
N VAL B 74 25.65 -9.72 17.24
CA VAL B 74 25.59 -10.28 18.58
C VAL B 74 24.13 -10.50 18.96
N ASP B 75 23.74 -11.76 19.14
CA ASP B 75 22.43 -12.16 19.61
C ASP B 75 22.33 -11.94 21.13
N SER B 76 21.11 -11.99 21.66
CA SER B 76 20.87 -12.18 23.08
C SER B 76 20.26 -13.57 23.26
N ASP B 77 21.01 -14.52 23.83
CA ASP B 77 22.32 -14.34 24.47
C ASP B 77 23.45 -14.38 23.42
N GLY B 78 24.66 -14.04 23.84
CA GLY B 78 25.74 -13.63 22.93
C GLY B 78 26.17 -14.74 21.99
N ALA B 79 26.20 -14.41 20.70
CA ALA B 79 26.67 -15.31 19.67
C ALA B 79 27.13 -14.44 18.51
N THR B 80 28.31 -14.75 17.98
CA THR B 80 28.95 -13.92 16.97
C THR B 80 28.94 -14.63 15.62
N ASN B 81 29.01 -13.83 14.56
CA ASN B 81 29.15 -14.34 13.20
C ASN B 81 29.81 -13.26 12.36
N SER B 82 30.99 -13.55 11.84
CA SER B 82 31.76 -12.57 11.07
C SER B 82 31.67 -12.90 9.59
N THR B 83 30.94 -12.08 8.84
CA THR B 83 30.91 -12.14 7.39
C THR B 83 31.52 -10.86 6.84
N THR B 84 32.39 -11.01 5.84
CA THR B 84 33.19 -9.92 5.34
C THR B 84 32.65 -9.41 4.02
N ALA B 85 33.21 -8.28 3.58
CA ALA B 85 32.82 -7.62 2.34
C ALA B 85 34.10 -7.15 1.65
N ASN B 86 34.11 -7.20 0.32
CA ASN B 86 35.24 -6.73 -0.46
C ASN B 86 34.84 -5.51 -1.29
N LEU B 87 35.76 -4.56 -1.40
CA LEU B 87 35.52 -3.27 -2.04
C LEU B 87 36.46 -3.15 -3.22
N THR B 88 36.06 -3.70 -4.36
CA THR B 88 36.85 -3.62 -5.58
C THR B 88 36.65 -2.23 -6.16
N VAL B 89 37.51 -1.30 -5.78
CA VAL B 89 37.39 0.10 -6.16
C VAL B 89 38.33 0.34 -7.34
N ASN B 90 37.77 0.73 -8.49
CA ASN B 90 38.54 0.88 -9.71
C ASN B 90 38.20 2.20 -10.38
N LYS B 91 39.13 2.69 -11.19
CA LYS B 91 38.93 3.94 -11.91
C LYS B 91 38.05 3.75 -13.14
#